data_4Q62
#
_entry.id   4Q62
#
_cell.length_a   88.765
_cell.length_b   97.470
_cell.length_c   57.240
_cell.angle_alpha   90.00
_cell.angle_beta   112.54
_cell.angle_gamma   90.00
#
_symmetry.space_group_name_H-M   'C 1 2 1'
#
loop_
_entity.id
_entity.type
_entity.pdbx_description
1 polymer 'Leucine-rich repeat-and coiled coil-containing protein'
2 non-polymer 'SULFATE ION'
3 non-polymer 1,2-ETHANEDIOL
4 water water
#
_entity_poly.entity_id   1
_entity_poly.type   'polypeptide(L)'
_entity_poly.pdbx_seq_one_letter_code
;SNAIKQHQVKLVLKTSQDIQLFLNALRDSRNHGISSLSELDLSDTRFTNQELSDLVTALNNIPGIKSLRLDSCGLKDSDT
VELSKLTHIKKLSLKSNYLKNRP(MSE)FNS(MSE)LEALYLDYNTELSASYVLFSLSRNAAALKKLSLRNCGVTDANLE
YLTRPESRLKSLTHFNLRRNNITHQGVDSFAHLQSLTTIDLSQNTGIGDEGVSRLAPLKQLRTLYLDNCGIGGEGIKAIA
K(MSE)NLQTVDLSFNPGLKKEWGLDDIRPNHTIRTLLLTFCSLNDNHAKLIVSKFPAATDLNVANNN(MSE)TRAGVKT
LLSNPIIENLDVSTQSLYAKSTGASGTG(MSE)ISPRI(MSE)(MSE)KKKEIKQQEKEKAQDLLDTICNTITLKSINLE
HTGITSR(MSE)LLSLIPDETDHKRYLKKINGVSCKELKPKLEQQIALRKAEKQ
;
_entity_poly.pdbx_strand_id   A
#
# COMPACT_ATOMS: atom_id res chain seq x y z
N GLN A 6 -1.46 -19.99 7.01
CA GLN A 6 -1.92 -21.30 6.56
C GLN A 6 -0.95 -21.93 5.57
N HIS A 7 -0.22 -21.08 4.86
CA HIS A 7 0.86 -21.53 3.99
C HIS A 7 2.18 -20.95 4.47
N GLN A 8 2.21 -20.54 5.73
CA GLN A 8 3.38 -19.89 6.30
C GLN A 8 3.75 -20.48 7.65
N VAL A 9 5.06 -20.60 7.90
CA VAL A 9 5.58 -20.89 9.21
C VAL A 9 6.28 -19.61 9.68
N LYS A 10 5.88 -19.11 10.84
CA LYS A 10 6.46 -17.88 11.39
C LYS A 10 6.94 -18.11 12.83
N LEU A 11 8.24 -17.95 13.04
CA LEU A 11 8.85 -18.27 14.34
C LEU A 11 9.94 -17.26 14.61
N VAL A 12 10.05 -16.81 15.85
CA VAL A 12 11.22 -16.10 16.29
C VAL A 12 12.05 -17.09 17.11
N LEU A 13 13.28 -17.35 16.67
CA LEU A 13 14.14 -18.28 17.38
C LEU A 13 15.10 -17.44 18.21
N LYS A 14 15.02 -17.59 19.53
CA LYS A 14 15.64 -16.64 20.45
C LYS A 14 17.07 -16.98 20.86
N THR A 15 17.45 -18.26 20.76
CA THR A 15 18.80 -18.69 21.07
C THR A 15 19.40 -19.54 19.95
N SER A 16 20.72 -19.62 19.91
CA SER A 16 21.41 -20.51 18.98
C SER A 16 20.94 -21.94 19.17
N GLN A 17 20.70 -22.32 20.42
CA GLN A 17 20.27 -23.68 20.71
C GLN A 17 18.85 -23.94 20.16
N ASP A 18 17.98 -22.94 20.23
CA ASP A 18 16.65 -23.05 19.60
C ASP A 18 16.75 -23.10 18.07
N ILE A 19 17.73 -22.40 17.51
CA ILE A 19 18.00 -22.50 16.08
C ILE A 19 18.39 -23.93 15.68
N GLN A 20 19.25 -24.57 16.46
CA GLN A 20 19.63 -25.95 16.14
C GLN A 20 18.43 -26.89 16.25
N LEU A 21 17.54 -26.65 17.22
CA LEU A 21 16.33 -27.46 17.36
C LEU A 21 15.44 -27.29 16.13
N PHE A 22 15.27 -26.04 15.71
CA PHE A 22 14.50 -25.76 14.51
C PHE A 22 15.13 -26.42 13.28
N LEU A 23 16.44 -26.27 13.12
CA LEU A 23 17.14 -26.89 11.99
C LEU A 23 16.98 -28.41 11.99
N ASN A 24 17.01 -29.02 13.18
CA ASN A 24 16.75 -30.45 13.30
C ASN A 24 15.39 -30.83 12.75
N ALA A 25 14.38 -30.04 13.13
CA ALA A 25 13.01 -30.28 12.65
C ALA A 25 12.94 -30.10 11.13
N LEU A 26 13.66 -29.11 10.62
CA LEU A 26 13.69 -28.80 9.18
C LEU A 26 14.30 -29.95 8.37
N ARG A 27 15.32 -30.59 8.94
N ARG A 27 15.32 -30.59 8.94
CA ARG A 27 16.06 -31.64 8.24
CA ARG A 27 16.06 -31.64 8.25
C ARG A 27 15.29 -32.96 8.10
C ARG A 27 15.33 -32.98 8.15
N ASP A 28 14.22 -33.12 8.89
CA ASP A 28 13.43 -34.35 8.86
C ASP A 28 12.99 -34.69 7.43
N SER A 29 13.27 -35.91 6.97
CA SER A 29 13.02 -36.28 5.57
C SER A 29 11.56 -36.12 5.18
N ARG A 30 10.67 -36.26 6.16
CA ARG A 30 9.24 -36.19 5.93
C ARG A 30 8.77 -34.81 5.45
N ASN A 31 9.62 -33.79 5.65
CA ASN A 31 9.32 -32.43 5.16
C ASN A 31 9.68 -32.21 3.70
N HIS A 32 10.53 -33.07 3.14
CA HIS A 32 11.04 -32.86 1.79
C HIS A 32 9.92 -32.65 0.75
N GLY A 33 8.77 -33.28 0.98
CA GLY A 33 7.67 -33.20 0.04
C GLY A 33 6.62 -32.12 0.26
N ILE A 34 6.71 -31.38 1.36
CA ILE A 34 5.70 -30.36 1.70
C ILE A 34 5.43 -29.38 0.55
N SER A 35 4.16 -29.05 0.36
CA SER A 35 3.76 -28.11 -0.68
C SER A 35 2.85 -27.04 -0.10
N SER A 36 2.13 -27.41 0.95
CA SER A 36 1.20 -26.50 1.61
C SER A 36 1.93 -25.31 2.25
N LEU A 37 3.10 -25.57 2.82
CA LEU A 37 3.89 -24.51 3.41
C LEU A 37 4.88 -23.99 2.37
N SER A 38 4.68 -22.75 1.93
CA SER A 38 5.50 -22.23 0.85
C SER A 38 6.36 -21.06 1.32
N GLU A 39 6.16 -20.63 2.56
CA GLU A 39 6.89 -19.49 3.11
C GLU A 39 7.35 -19.70 4.54
N LEU A 40 8.60 -19.32 4.80
CA LEU A 40 9.18 -19.43 6.12
C LEU A 40 9.58 -18.03 6.55
N ASP A 41 9.10 -17.62 7.72
CA ASP A 41 9.38 -16.28 8.26
C ASP A 41 10.10 -16.42 9.58
N LEU A 42 11.40 -16.15 9.57
CA LEU A 42 12.21 -16.23 10.78
C LEU A 42 12.66 -14.85 11.22
N SER A 43 11.87 -13.83 10.87
CA SER A 43 12.21 -12.45 11.21
C SER A 43 12.47 -12.29 12.71
N ASP A 44 13.39 -11.38 13.05
CA ASP A 44 13.84 -11.10 14.42
C ASP A 44 14.80 -12.14 15.01
N THR A 45 15.15 -13.16 14.23
CA THR A 45 16.10 -14.17 14.68
C THR A 45 17.53 -13.68 14.37
N ARG A 46 18.45 -13.84 15.33
N ARG A 46 18.44 -13.84 15.34
CA ARG A 46 19.85 -13.47 15.10
CA ARG A 46 19.84 -13.51 15.12
C ARG A 46 20.71 -14.69 14.81
C ARG A 46 20.60 -14.76 14.75
N PHE A 47 21.24 -14.76 13.59
CA PHE A 47 21.94 -15.94 13.09
C PHE A 47 23.45 -15.78 13.13
N THR A 48 24.17 -16.89 13.24
CA THR A 48 25.58 -16.88 12.86
C THR A 48 25.70 -17.29 11.38
N ASN A 49 26.92 -17.20 10.83
CA ASN A 49 27.13 -17.52 9.44
C ASN A 49 26.84 -18.98 9.16
N GLN A 50 27.31 -19.84 10.05
CA GLN A 50 27.14 -21.28 9.88
C GLN A 50 25.68 -21.70 10.08
N GLU A 51 24.99 -21.07 11.04
CA GLU A 51 23.56 -21.32 11.23
C GLU A 51 22.80 -20.99 9.96
N LEU A 52 23.21 -19.90 9.32
CA LEU A 52 22.55 -19.45 8.11
C LEU A 52 22.88 -20.37 6.95
N SER A 53 24.15 -20.77 6.86
CA SER A 53 24.57 -21.71 5.82
C SER A 53 23.80 -23.01 6.00
N ASP A 54 23.69 -23.48 7.24
CA ASP A 54 22.92 -24.68 7.56
C ASP A 54 21.43 -24.53 7.22
N LEU A 55 20.88 -23.34 7.42
CA LEU A 55 19.51 -23.07 7.03
C LEU A 55 19.34 -23.24 5.52
N VAL A 56 20.27 -22.65 4.77
CA VAL A 56 20.28 -22.72 3.33
C VAL A 56 20.37 -24.16 2.83
N THR A 57 21.22 -24.94 3.47
CA THR A 57 21.35 -26.36 3.12
C THR A 57 20.06 -27.14 3.37
N ALA A 58 19.41 -26.89 4.50
CA ALA A 58 18.14 -27.55 4.78
C ALA A 58 17.03 -27.12 3.81
N LEU A 59 16.96 -25.82 3.52
CA LEU A 59 15.94 -25.29 2.62
C LEU A 59 16.12 -25.82 1.21
N ASN A 60 17.37 -25.99 0.80
CA ASN A 60 17.67 -26.51 -0.52
C ASN A 60 17.19 -27.95 -0.73
N ASN A 61 16.87 -28.65 0.36
CA ASN A 61 16.25 -29.96 0.22
C ASN A 61 14.73 -29.91 0.29
N ILE A 62 14.16 -28.71 0.36
CA ILE A 62 12.72 -28.52 0.47
C ILE A 62 12.22 -27.60 -0.64
N PRO A 63 11.97 -28.17 -1.83
CA PRO A 63 11.61 -27.39 -3.02
C PRO A 63 10.32 -26.61 -2.83
N GLY A 64 9.43 -27.08 -1.96
CA GLY A 64 8.15 -26.43 -1.76
C GLY A 64 8.21 -25.08 -1.08
N ILE A 65 9.29 -24.80 -0.37
CA ILE A 65 9.42 -23.48 0.26
C ILE A 65 10.03 -22.51 -0.75
N LYS A 66 9.23 -21.51 -1.14
CA LYS A 66 9.60 -20.61 -2.22
C LYS A 66 9.85 -19.20 -1.72
N SER A 67 9.46 -18.94 -0.48
CA SER A 67 9.53 -17.61 0.08
C SER A 67 10.19 -17.63 1.46
N LEU A 68 11.15 -16.74 1.66
CA LEU A 68 11.89 -16.66 2.92
C LEU A 68 11.93 -15.22 3.41
N ARG A 69 11.48 -15.01 4.64
CA ARG A 69 11.54 -13.69 5.28
C ARG A 69 12.51 -13.68 6.44
N LEU A 70 13.48 -12.78 6.37
CA LEU A 70 14.47 -12.61 7.41
C LEU A 70 14.60 -11.13 7.75
N ASP A 71 13.48 -10.52 8.13
CA ASP A 71 13.47 -9.12 8.47
C ASP A 71 14.03 -8.90 9.88
N SER A 72 14.79 -7.83 10.08
CA SER A 72 15.32 -7.49 11.39
C SER A 72 16.14 -8.62 12.01
N CYS A 73 17.00 -9.24 11.21
CA CYS A 73 17.79 -10.37 11.67
C CYS A 73 19.26 -10.00 11.84
N GLY A 74 19.58 -8.71 11.77
CA GLY A 74 20.96 -8.29 11.94
C GLY A 74 21.88 -8.71 10.81
N LEU A 75 21.31 -8.96 9.63
CA LEU A 75 22.06 -9.53 8.51
C LEU A 75 23.03 -8.55 7.85
N LYS A 76 24.17 -9.07 7.42
CA LYS A 76 25.21 -8.28 6.77
C LYS A 76 25.43 -8.73 5.34
N ASP A 77 26.27 -8.01 4.60
CA ASP A 77 26.56 -8.38 3.22
C ASP A 77 27.07 -9.82 3.11
N SER A 78 27.92 -10.23 4.03
CA SER A 78 28.44 -11.62 4.02
C SER A 78 27.31 -12.64 4.13
N ASP A 79 26.25 -12.28 4.85
CA ASP A 79 25.08 -13.14 4.97
C ASP A 79 24.34 -13.31 3.66
N THR A 80 24.26 -12.24 2.87
CA THR A 80 23.58 -12.33 1.58
C THR A 80 24.32 -13.28 0.63
N VAL A 81 25.64 -13.34 0.76
CA VAL A 81 26.42 -14.32 0.00
C VAL A 81 25.94 -15.75 0.28
N GLU A 82 25.70 -16.05 1.55
CA GLU A 82 25.18 -17.37 1.92
C GLU A 82 23.80 -17.58 1.34
N LEU A 83 22.94 -16.57 1.45
CA LEU A 83 21.55 -16.67 1.03
C LEU A 83 21.42 -16.80 -0.49
N SER A 84 22.40 -16.26 -1.22
CA SER A 84 22.38 -16.37 -2.68
C SER A 84 22.57 -17.81 -3.16
N LYS A 85 22.93 -18.70 -2.24
CA LYS A 85 23.10 -20.10 -2.58
C LYS A 85 21.79 -20.90 -2.46
N LEU A 86 20.69 -20.24 -2.10
CA LEU A 86 19.40 -20.91 -2.06
C LEU A 86 18.92 -21.22 -3.49
N THR A 87 18.49 -22.46 -3.71
CA THR A 87 18.16 -22.94 -5.06
C THR A 87 16.67 -22.97 -5.39
N HIS A 88 15.80 -22.77 -4.39
CA HIS A 88 14.36 -22.84 -4.63
C HIS A 88 13.63 -21.56 -4.24
N ILE A 89 14.29 -20.72 -3.46
CA ILE A 89 13.68 -19.48 -3.00
C ILE A 89 13.54 -18.47 -4.12
N LYS A 90 12.30 -18.02 -4.35
CA LYS A 90 12.03 -17.00 -5.36
C LYS A 90 11.69 -15.64 -4.76
N LYS A 91 11.29 -15.63 -3.48
CA LYS A 91 10.95 -14.38 -2.80
C LYS A 91 11.77 -14.27 -1.53
N LEU A 92 12.52 -13.17 -1.40
CA LEU A 92 13.41 -13.00 -0.27
C LEU A 92 13.18 -11.62 0.34
N SER A 93 12.82 -11.61 1.61
CA SER A 93 12.61 -10.35 2.31
C SER A 93 13.72 -10.16 3.35
N LEU A 94 14.42 -9.03 3.23
CA LEU A 94 15.56 -8.72 4.09
C LEU A 94 15.44 -7.32 4.67
N LYS A 95 14.22 -6.96 5.09
CA LYS A 95 13.97 -5.62 5.63
C LYS A 95 14.71 -5.40 6.96
N SER A 96 15.11 -4.15 7.20
CA SER A 96 15.63 -3.72 8.49
C SER A 96 16.87 -4.50 8.91
N ASN A 97 17.76 -4.74 7.96
CA ASN A 97 19.02 -5.39 8.26
C ASN A 97 20.21 -4.43 8.19
N TYR A 98 21.42 -4.96 8.11
CA TYR A 98 22.61 -4.12 8.09
C TYR A 98 23.38 -4.29 6.79
N LEU A 99 22.66 -4.43 5.69
CA LEU A 99 23.29 -4.56 4.39
C LEU A 99 23.96 -3.23 4.03
N LYS A 100 25.08 -3.30 3.34
CA LYS A 100 25.84 -2.09 3.03
C LYS A 100 26.16 -1.97 1.56
N ASN A 101 27.43 -1.99 1.20
CA ASN A 101 27.82 -1.66 -0.17
C ASN A 101 28.09 -2.85 -1.10
N ARG A 102 28.14 -4.06 -0.55
CA ARG A 102 28.41 -5.21 -1.39
C ARG A 102 27.49 -6.43 -1.19
N PRO A 103 26.16 -6.23 -1.05
CA PRO A 103 25.36 -7.45 -0.91
C PRO A 103 25.23 -8.15 -2.25
N PHE A 105 22.89 -11.15 -4.61
CA PHE A 105 21.58 -11.80 -4.72
C PHE A 105 21.56 -12.82 -5.85
N ASN A 106 20.89 -13.94 -5.59
CA ASN A 106 20.67 -14.92 -6.65
C ASN A 106 19.83 -14.33 -7.78
N SER A 107 20.22 -14.61 -9.02
CA SER A 107 19.57 -14.00 -10.17
C SER A 107 18.18 -14.59 -10.42
N LEU A 109 15.82 -14.72 -8.26
CA LEU A 109 14.82 -14.07 -7.41
C LEU A 109 13.73 -13.37 -8.22
N GLU A 110 12.48 -13.57 -7.81
CA GLU A 110 11.35 -12.88 -8.41
C GLU A 110 10.83 -11.74 -7.54
N ALA A 111 11.12 -11.79 -6.25
CA ALA A 111 10.81 -10.68 -5.36
C ALA A 111 11.91 -10.47 -4.34
N LEU A 112 12.27 -9.22 -4.12
CA LEU A 112 13.35 -8.87 -3.20
C LEU A 112 12.96 -7.63 -2.40
N TYR A 113 12.90 -7.76 -1.08
CA TYR A 113 12.55 -6.61 -0.25
C TYR A 113 13.72 -6.16 0.61
N LEU A 114 14.15 -4.93 0.39
CA LEU A 114 15.27 -4.38 1.14
C LEU A 114 14.88 -3.19 2.00
N ASP A 115 13.58 -3.01 2.27
CA ASP A 115 13.11 -1.84 3.03
C ASP A 115 13.91 -1.57 4.31
N TYR A 116 14.18 -0.29 4.55
CA TYR A 116 14.77 0.17 5.81
C TYR A 116 16.18 -0.35 6.07
N ASN A 117 16.90 -0.74 5.03
CA ASN A 117 18.33 -1.00 5.20
C ASN A 117 19.07 0.33 5.09
N THR A 118 19.14 1.05 6.21
CA THR A 118 19.54 2.46 6.14
C THR A 118 21.04 2.64 5.94
N GLU A 119 21.81 1.56 5.96
CA GLU A 119 23.21 1.67 5.56
C GLU A 119 23.46 1.18 4.12
N LEU A 120 22.39 0.86 3.41
CA LEU A 120 22.51 0.30 2.06
C LEU A 120 23.14 1.30 1.07
N SER A 121 24.00 0.79 0.20
CA SER A 121 24.41 1.55 -0.97
C SER A 121 23.41 1.29 -2.10
N ALA A 122 22.48 2.21 -2.28
CA ALA A 122 21.48 2.10 -3.36
C ALA A 122 22.16 2.09 -4.70
N SER A 123 23.24 2.85 -4.84
CA SER A 123 23.95 2.87 -6.14
C SER A 123 24.46 1.47 -6.51
N TYR A 124 25.18 0.81 -5.61
CA TYR A 124 25.66 -0.53 -5.93
C TYR A 124 24.52 -1.51 -6.18
N VAL A 125 23.48 -1.44 -5.36
CA VAL A 125 22.39 -2.41 -5.48
C VAL A 125 21.67 -2.27 -6.83
N LEU A 126 21.30 -1.05 -7.20
CA LEU A 126 20.64 -0.85 -8.50
C LEU A 126 21.57 -1.20 -9.66
N PHE A 127 22.85 -0.86 -9.54
CA PHE A 127 23.83 -1.30 -10.53
C PHE A 127 23.90 -2.83 -10.66
N SER A 128 24.14 -3.52 -9.56
CA SER A 128 24.25 -4.98 -9.62
C SER A 128 22.95 -5.66 -10.05
N LEU A 129 21.81 -5.20 -9.56
CA LEU A 129 20.52 -5.77 -9.99
C LEU A 129 20.30 -5.53 -11.51
N SER A 130 20.70 -4.36 -12.00
CA SER A 130 20.59 -4.09 -13.45
C SER A 130 21.42 -5.05 -14.28
N ARG A 131 22.55 -5.51 -13.74
CA ARG A 131 23.39 -6.46 -14.48
C ARG A 131 23.02 -7.93 -14.33
N ASN A 132 22.17 -8.28 -13.36
CA ASN A 132 21.91 -9.69 -13.06
C ASN A 132 20.45 -10.13 -12.90
N ALA A 133 19.57 -9.23 -12.48
CA ALA A 133 18.25 -9.65 -12.00
C ALA A 133 17.17 -9.77 -13.07
N ALA A 134 17.39 -10.66 -14.03
CA ALA A 134 16.45 -10.81 -15.14
C ALA A 134 15.06 -11.29 -14.70
N ALA A 135 15.01 -12.09 -13.64
CA ALA A 135 13.75 -12.70 -13.24
C ALA A 135 12.95 -11.82 -12.29
N LEU A 136 13.57 -10.75 -11.79
CA LEU A 136 12.97 -9.94 -10.74
C LEU A 136 11.69 -9.23 -11.16
N LYS A 137 10.62 -9.47 -10.42
CA LYS A 137 9.32 -8.86 -10.70
C LYS A 137 8.95 -7.81 -9.66
N LYS A 138 9.35 -8.05 -8.42
CA LYS A 138 9.03 -7.12 -7.34
C LYS A 138 10.30 -6.67 -6.61
N LEU A 139 10.44 -5.36 -6.48
CA LEU A 139 11.62 -4.80 -5.84
C LEU A 139 11.20 -3.70 -4.89
N SER A 140 11.58 -3.83 -3.63
CA SER A 140 11.28 -2.75 -2.71
C SER A 140 12.55 -2.15 -2.14
N LEU A 141 12.74 -0.86 -2.35
CA LEU A 141 13.84 -0.10 -1.76
C LEU A 141 13.32 1.03 -0.89
N ARG A 142 12.21 0.78 -0.20
N ARG A 142 12.22 0.76 -0.18
CA ARG A 142 11.66 1.76 0.72
CA ARG A 142 11.64 1.71 0.76
C ARG A 142 12.69 2.20 1.75
C ARG A 142 12.64 2.20 1.80
N ASN A 143 12.83 3.52 1.89
CA ASN A 143 13.72 4.13 2.86
C ASN A 143 15.13 3.57 2.80
N CYS A 144 15.67 3.47 1.59
CA CYS A 144 17.03 2.98 1.37
C CYS A 144 17.98 4.06 0.81
N GLY A 145 17.59 5.32 0.91
CA GLY A 145 18.47 6.41 0.49
C GLY A 145 18.65 6.55 -1.02
N VAL A 146 17.66 6.11 -1.79
CA VAL A 146 17.80 6.12 -3.23
C VAL A 146 17.64 7.55 -3.78
N THR A 147 18.57 7.98 -4.61
CA THR A 147 18.49 9.27 -5.31
C THR A 147 18.31 9.06 -6.83
N ASP A 148 18.06 10.14 -7.57
CA ASP A 148 17.83 10.03 -9.01
C ASP A 148 19.03 9.44 -9.70
N ALA A 149 20.21 9.83 -9.23
CA ALA A 149 21.46 9.35 -9.83
C ALA A 149 21.54 7.83 -9.77
N ASN A 150 21.04 7.24 -8.69
CA ASN A 150 21.08 5.79 -8.52
C ASN A 150 20.21 5.08 -9.54
N LEU A 151 19.11 5.70 -9.95
CA LEU A 151 18.16 5.08 -10.87
C LEU A 151 18.65 5.02 -12.31
N GLU A 152 19.69 5.78 -12.63
CA GLU A 152 20.13 5.84 -14.03
C GLU A 152 20.60 4.50 -14.60
N TYR A 153 21.05 3.58 -13.74
CA TYR A 153 21.42 2.24 -14.19
C TYR A 153 20.26 1.51 -14.89
N LEU A 154 19.02 1.91 -14.58
CA LEU A 154 17.85 1.25 -15.18
C LEU A 154 17.70 1.60 -16.67
N THR A 155 18.41 2.63 -17.13
CA THR A 155 18.33 3.04 -18.52
C THR A 155 19.48 2.49 -19.36
N ARG A 156 20.36 1.71 -18.73
CA ARG A 156 21.47 1.10 -19.46
C ARG A 156 20.90 0.11 -20.49
N PRO A 157 21.42 0.15 -21.73
CA PRO A 157 20.97 -0.74 -22.80
C PRO A 157 21.03 -2.21 -22.39
N GLU A 158 22.08 -2.62 -21.68
N GLU A 158 22.07 -2.55 -21.62
CA GLU A 158 22.18 -4.02 -21.32
CA GLU A 158 22.37 -3.91 -21.21
C GLU A 158 21.71 -4.27 -19.88
C GLU A 158 21.57 -4.34 -19.99
N SER A 159 20.81 -3.41 -19.40
CA SER A 159 20.12 -3.68 -18.14
C SER A 159 19.20 -4.89 -18.26
N ARG A 160 19.26 -5.78 -17.28
CA ARG A 160 18.41 -6.96 -17.30
C ARG A 160 17.18 -6.78 -16.43
N LEU A 161 17.06 -5.62 -15.79
CA LEU A 161 15.87 -5.32 -14.97
C LEU A 161 14.70 -4.93 -15.87
N LYS A 162 14.17 -5.91 -16.58
CA LYS A 162 13.18 -5.67 -17.62
C LYS A 162 11.81 -6.29 -17.32
N SER A 163 11.71 -7.00 -16.21
CA SER A 163 10.47 -7.71 -15.90
C SER A 163 9.74 -7.15 -14.68
N LEU A 164 10.22 -6.02 -14.17
CA LEU A 164 9.67 -5.47 -12.94
C LEU A 164 8.20 -5.09 -13.11
N THR A 165 7.37 -5.58 -12.19
CA THR A 165 5.97 -5.18 -12.16
C THR A 165 5.65 -4.33 -10.94
N HIS A 166 6.38 -4.53 -9.84
CA HIS A 166 6.18 -3.78 -8.60
C HIS A 166 7.48 -3.13 -8.18
N PHE A 167 7.42 -1.84 -7.88
CA PHE A 167 8.61 -1.08 -7.51
C PHE A 167 8.20 -0.15 -6.39
N ASN A 168 8.74 -0.41 -5.20
CA ASN A 168 8.50 0.43 -4.02
C ASN A 168 9.70 1.32 -3.78
N LEU A 169 9.50 2.63 -3.96
CA LEU A 169 10.54 3.61 -3.72
C LEU A 169 10.12 4.61 -2.63
N ARG A 170 9.16 4.21 -1.81
CA ARG A 170 8.68 5.09 -0.73
C ARG A 170 9.78 5.66 0.17
N ARG A 171 9.69 6.96 0.41
CA ARG A 171 10.58 7.67 1.33
C ARG A 171 12.06 7.55 0.94
N ASN A 172 12.36 8.04 -0.26
CA ASN A 172 13.73 8.19 -0.68
C ASN A 172 13.92 9.65 -1.09
N ASN A 173 14.67 9.89 -2.16
CA ASN A 173 14.69 11.24 -2.76
C ASN A 173 14.57 11.15 -4.28
N ILE A 174 13.44 10.65 -4.75
CA ILE A 174 13.20 10.52 -6.17
C ILE A 174 12.53 11.79 -6.66
N THR A 175 12.98 12.32 -7.79
CA THR A 175 12.34 13.50 -8.39
C THR A 175 11.80 13.18 -9.77
N HIS A 176 11.29 14.21 -10.46
CA HIS A 176 10.74 13.99 -11.80
C HIS A 176 11.83 13.53 -12.76
N GLN A 177 13.08 13.90 -12.49
CA GLN A 177 14.19 13.44 -13.31
C GLN A 177 14.40 11.94 -13.14
N GLY A 178 14.19 11.44 -11.93
CA GLY A 178 14.29 10.00 -11.68
C GLY A 178 13.21 9.18 -12.34
N VAL A 179 11.99 9.73 -12.39
CA VAL A 179 10.90 9.05 -13.09
C VAL A 179 11.28 8.70 -14.54
N ASP A 180 11.97 9.62 -15.21
CA ASP A 180 12.41 9.38 -16.59
C ASP A 180 13.27 8.12 -16.68
N SER A 181 13.98 7.80 -15.60
CA SER A 181 14.80 6.60 -15.57
C SER A 181 14.04 5.28 -15.57
N PHE A 182 12.77 5.29 -15.16
CA PHE A 182 11.98 4.05 -15.23
C PHE A 182 10.72 4.11 -16.09
N ALA A 183 10.51 5.23 -16.77
CA ALA A 183 9.31 5.43 -17.59
C ALA A 183 9.28 4.56 -18.84
N HIS A 184 10.38 3.88 -19.13
CA HIS A 184 10.42 2.96 -20.27
C HIS A 184 10.21 1.51 -19.84
N LEU A 185 10.06 1.27 -18.54
CA LEU A 185 9.86 -0.10 -18.04
C LEU A 185 8.38 -0.45 -18.10
N GLN A 186 7.94 -0.85 -19.29
CA GLN A 186 6.51 -1.01 -19.58
C GLN A 186 5.81 -2.10 -18.75
N SER A 187 6.59 -3.00 -18.18
CA SER A 187 5.98 -4.04 -17.34
C SER A 187 5.48 -3.55 -15.97
N LEU A 188 5.82 -2.32 -15.57
CA LEU A 188 5.41 -1.82 -14.25
C LEU A 188 3.88 -1.67 -14.12
N THR A 189 3.31 -2.28 -13.09
CA THR A 189 1.87 -2.16 -12.82
C THR A 189 1.58 -1.47 -11.48
N THR A 190 2.57 -1.48 -10.59
CA THR A 190 2.41 -1.02 -9.22
C THR A 190 3.65 -0.25 -8.78
N ILE A 191 3.48 1.03 -8.46
CA ILE A 191 4.59 1.85 -8.05
C ILE A 191 4.25 2.64 -6.80
N ASP A 192 5.13 2.57 -5.81
CA ASP A 192 5.01 3.42 -4.64
C ASP A 192 6.10 4.49 -4.68
N LEU A 193 5.68 5.74 -4.91
CA LEU A 193 6.58 6.90 -4.93
C LEU A 193 6.34 7.82 -3.76
N SER A 194 5.54 7.36 -2.81
CA SER A 194 5.12 8.20 -1.70
C SER A 194 6.29 8.71 -0.85
N GLN A 195 6.12 9.90 -0.26
CA GLN A 195 7.20 10.57 0.50
C GLN A 195 8.46 10.78 -0.34
N ASN A 196 8.24 11.18 -1.60
CA ASN A 196 9.30 11.71 -2.44
C ASN A 196 8.79 13.05 -2.94
N THR A 197 9.08 14.08 -2.15
CA THR A 197 8.50 15.40 -2.39
C THR A 197 9.06 16.10 -3.61
N GLY A 198 10.14 15.57 -4.19
CA GLY A 198 10.68 16.12 -5.43
C GLY A 198 9.94 15.65 -6.70
N ILE A 199 8.98 14.73 -6.55
CA ILE A 199 8.23 14.22 -7.71
C ILE A 199 7.37 15.34 -8.33
N GLY A 200 6.43 15.87 -7.56
CA GLY A 200 5.60 16.97 -8.02
C GLY A 200 4.73 16.63 -9.21
N ASP A 201 4.09 17.64 -9.80
CA ASP A 201 3.24 17.42 -10.95
C ASP A 201 4.03 16.96 -12.17
N GLU A 202 5.24 17.49 -12.32
CA GLU A 202 6.10 17.09 -13.44
C GLU A 202 6.44 15.59 -13.39
N GLY A 203 6.74 15.08 -12.19
CA GLY A 203 6.95 13.65 -12.00
C GLY A 203 5.75 12.83 -12.38
N VAL A 204 4.57 13.23 -11.91
CA VAL A 204 3.34 12.53 -12.29
C VAL A 204 3.13 12.52 -13.80
N SER A 205 3.34 13.68 -14.43
CA SER A 205 3.21 13.79 -15.88
C SER A 205 4.12 12.79 -16.62
N ARG A 206 5.30 12.55 -16.06
CA ARG A 206 6.27 11.66 -16.71
C ARG A 206 5.97 10.17 -16.51
N LEU A 207 4.95 9.86 -15.73
CA LEU A 207 4.47 8.48 -15.60
C LEU A 207 3.55 8.05 -16.76
N ALA A 208 3.13 9.01 -17.60
CA ALA A 208 2.22 8.75 -18.72
C ALA A 208 2.59 7.59 -19.65
N PRO A 209 3.88 7.47 -20.03
CA PRO A 209 4.18 6.38 -20.97
C PRO A 209 3.99 4.97 -20.37
N LEU A 210 3.83 4.87 -19.05
CA LEU A 210 3.68 3.57 -18.37
C LEU A 210 2.25 3.05 -18.52
N LYS A 211 1.95 2.47 -19.67
CA LYS A 211 0.58 2.14 -20.03
C LYS A 211 -0.05 1.00 -19.21
N GLN A 212 0.75 0.22 -18.51
N GLN A 212 0.79 0.26 -18.51
CA GLN A 212 0.19 -0.86 -17.71
CA GLN A 212 0.35 -0.89 -17.74
C GLN A 212 0.13 -0.53 -16.22
C GLN A 212 0.25 -0.56 -16.24
N LEU A 213 0.50 0.71 -15.89
CA LEU A 213 0.45 1.16 -14.50
C LEU A 213 -1.00 1.18 -14.00
N ARG A 214 -1.28 0.48 -12.91
CA ARG A 214 -2.64 0.36 -12.39
C ARG A 214 -2.76 0.83 -10.94
N THR A 215 -1.71 0.65 -10.17
CA THR A 215 -1.71 1.05 -8.76
C THR A 215 -0.57 2.02 -8.50
N LEU A 216 -0.91 3.21 -8.00
CA LEU A 216 0.07 4.27 -7.84
C LEU A 216 -0.09 4.94 -6.48
N TYR A 217 0.98 4.91 -5.68
CA TYR A 217 1.02 5.59 -4.39
C TYR A 217 1.86 6.85 -4.49
N LEU A 218 1.23 7.99 -4.24
CA LEU A 218 1.88 9.29 -4.38
C LEU A 218 1.59 10.18 -3.20
N ASP A 219 1.34 9.59 -2.04
N ASP A 219 1.37 9.60 -2.03
CA ASP A 219 1.12 10.40 -0.85
CA ASP A 219 1.13 10.39 -0.83
C ASP A 219 2.40 11.18 -0.51
C ASP A 219 2.40 11.17 -0.46
N ASN A 220 2.24 12.44 -0.12
CA ASN A 220 3.40 13.29 0.21
C ASN A 220 4.39 13.48 -0.94
N CYS A 221 3.91 13.93 -2.10
CA CYS A 221 4.75 14.04 -3.29
C CYS A 221 4.68 15.43 -3.89
N GLY A 222 4.09 16.37 -3.14
CA GLY A 222 3.97 17.75 -3.59
C GLY A 222 3.09 17.84 -4.83
N ILE A 223 2.00 17.08 -4.85
CA ILE A 223 1.12 17.06 -6.03
C ILE A 223 0.07 18.17 -5.96
N GLY A 224 -0.17 18.82 -7.09
CA GLY A 224 -1.18 19.86 -7.17
C GLY A 224 -2.19 19.54 -8.28
N GLY A 225 -2.94 20.57 -8.69
CA GLY A 225 -3.98 20.37 -9.69
C GLY A 225 -3.53 19.77 -11.00
N GLU A 226 -2.35 20.17 -11.49
CA GLU A 226 -1.83 19.62 -12.74
C GLU A 226 -1.53 18.13 -12.64
N GLY A 227 -1.14 17.69 -11.44
CA GLY A 227 -0.89 16.29 -11.18
C GLY A 227 -2.16 15.46 -11.19
N ILE A 228 -3.21 15.93 -10.53
CA ILE A 228 -4.43 15.13 -10.50
C ILE A 228 -5.09 15.11 -11.88
N LYS A 229 -4.83 16.13 -12.67
CA LYS A 229 -5.34 16.16 -14.05
C LYS A 229 -4.65 15.08 -14.89
N ALA A 230 -3.34 14.97 -14.76
CA ALA A 230 -2.61 13.92 -15.48
C ALA A 230 -3.11 12.53 -15.05
N ILE A 231 -3.36 12.38 -13.76
CA ILE A 231 -3.86 11.13 -13.19
C ILE A 231 -5.24 10.81 -13.76
N ALA A 232 -6.09 11.83 -13.87
CA ALA A 232 -7.43 11.64 -14.45
C ALA A 232 -7.42 11.04 -15.86
N LYS A 233 -6.33 11.29 -16.59
CA LYS A 233 -6.23 10.82 -17.97
C LYS A 233 -5.57 9.45 -18.11
N ASN A 235 -5.23 5.19 -17.18
CA ASN A 235 -6.03 4.00 -16.88
C ASN A 235 -5.66 3.34 -15.55
N LEU A 236 -5.57 4.15 -14.49
CA LEU A 236 -5.23 3.65 -13.16
C LEU A 236 -6.45 3.04 -12.47
N GLN A 237 -6.21 2.15 -11.51
N GLN A 237 -6.22 2.17 -11.51
CA GLN A 237 -7.29 1.54 -10.74
CA GLN A 237 -7.31 1.55 -10.74
C GLN A 237 -7.29 2.02 -9.29
C GLN A 237 -7.29 2.00 -9.28
N THR A 238 -6.10 2.20 -8.73
CA THR A 238 -5.93 2.54 -7.32
C THR A 238 -4.92 3.67 -7.22
N VAL A 239 -5.30 4.75 -6.53
CA VAL A 239 -4.45 5.94 -6.44
C VAL A 239 -4.52 6.52 -5.04
N ASP A 240 -3.35 6.70 -4.43
CA ASP A 240 -3.27 7.36 -3.15
C ASP A 240 -2.63 8.71 -3.36
N LEU A 241 -3.39 9.77 -3.11
CA LEU A 241 -2.89 11.14 -3.22
C LEU A 241 -2.94 11.91 -1.90
N SER A 242 -2.94 11.19 -0.78
CA SER A 242 -3.00 11.79 0.55
C SER A 242 -1.81 12.70 0.81
N PHE A 243 -1.97 13.63 1.76
CA PHE A 243 -0.93 14.58 2.11
C PHE A 243 -0.37 15.36 0.91
N ASN A 244 -1.28 15.80 0.04
CA ASN A 244 -0.92 16.70 -1.06
C ASN A 244 -1.83 17.92 -1.06
N PRO A 245 -1.64 18.85 -0.11
CA PRO A 245 -2.60 19.94 0.02
C PRO A 245 -2.53 21.00 -1.08
N GLY A 246 -1.62 20.87 -2.03
CA GLY A 246 -1.72 21.65 -3.26
C GLY A 246 -3.01 21.36 -4.00
N LEU A 247 -3.59 20.21 -3.72
CA LEU A 247 -4.86 19.81 -4.34
C LEU A 247 -6.05 20.62 -3.79
N LYS A 248 -5.77 21.51 -2.82
CA LYS A 248 -6.80 22.41 -2.31
C LYS A 248 -7.24 23.44 -3.36
N LYS A 249 -6.41 23.64 -4.38
CA LYS A 249 -6.72 24.58 -5.46
C LYS A 249 -7.60 23.94 -6.57
N GLU A 250 -7.75 24.64 -7.69
CA GLU A 250 -8.52 24.14 -8.81
C GLU A 250 -7.79 22.98 -9.44
N TRP A 251 -8.56 22.04 -9.99
CA TRP A 251 -8.01 20.83 -10.58
C TRP A 251 -7.90 20.91 -12.10
N GLY A 252 -8.55 21.92 -12.69
CA GLY A 252 -8.50 22.12 -14.13
C GLY A 252 -9.07 20.98 -14.97
N LEU A 253 -10.21 20.44 -14.55
CA LEU A 253 -10.77 19.26 -15.20
C LEU A 253 -11.91 19.56 -16.19
N ASP A 254 -12.16 20.84 -16.46
CA ASP A 254 -13.33 21.19 -17.29
C ASP A 254 -13.37 20.52 -18.66
N ASP A 255 -12.21 20.37 -19.30
CA ASP A 255 -12.18 19.79 -20.64
C ASP A 255 -11.64 18.36 -20.62
N ILE A 256 -11.82 17.70 -19.49
CA ILE A 256 -11.38 16.31 -19.33
C ILE A 256 -12.60 15.41 -19.15
N ARG A 257 -12.70 14.36 -19.97
CA ARG A 257 -13.74 13.34 -19.78
C ARG A 257 -13.61 12.67 -18.40
N PRO A 258 -14.74 12.31 -17.79
CA PRO A 258 -14.73 11.55 -16.54
C PRO A 258 -13.88 10.29 -16.66
N ASN A 259 -13.17 9.95 -15.58
CA ASN A 259 -12.34 8.77 -15.53
C ASN A 259 -13.16 7.60 -15.00
N HIS A 260 -13.14 6.47 -15.71
CA HIS A 260 -13.96 5.33 -15.32
C HIS A 260 -13.14 4.11 -14.89
N THR A 261 -11.85 4.30 -14.59
CA THR A 261 -11.02 3.17 -14.23
C THR A 261 -10.60 3.20 -12.76
N ILE A 262 -10.41 4.40 -12.21
CA ILE A 262 -9.99 4.53 -10.82
C ILE A 262 -11.12 4.13 -9.87
N ARG A 263 -10.89 3.06 -9.10
CA ARG A 263 -11.90 2.53 -8.18
C ARG A 263 -11.61 2.89 -6.75
N THR A 264 -10.33 3.02 -6.41
CA THR A 264 -9.91 3.39 -5.08
C THR A 264 -9.14 4.69 -5.11
N LEU A 265 -9.61 5.66 -4.34
CA LEU A 265 -9.06 6.99 -4.40
C LEU A 265 -8.90 7.52 -2.99
N LEU A 266 -7.65 7.72 -2.58
CA LEU A 266 -7.38 8.21 -1.24
C LEU A 266 -6.90 9.64 -1.34
N LEU A 267 -7.61 10.53 -0.66
CA LEU A 267 -7.33 11.97 -0.71
C LEU A 267 -7.40 12.52 0.70
N THR A 268 -6.84 11.80 1.66
CA THR A 268 -6.85 12.29 3.03
C THR A 268 -5.81 13.40 3.18
N PHE A 269 -6.07 14.32 4.12
CA PHE A 269 -5.11 15.37 4.42
C PHE A 269 -4.68 16.20 3.19
N CYS A 270 -5.65 16.69 2.42
CA CYS A 270 -5.34 17.43 1.21
C CYS A 270 -5.98 18.82 1.22
N SER A 271 -6.50 19.21 2.37
CA SER A 271 -7.18 20.48 2.52
C SER A 271 -8.30 20.68 1.47
N LEU A 272 -9.01 19.60 1.14
CA LEU A 272 -10.08 19.70 0.14
C LEU A 272 -11.36 20.31 0.72
N ASN A 273 -12.19 20.92 -0.12
CA ASN A 273 -13.47 21.46 0.33
C ASN A 273 -14.68 20.82 -0.36
N ASP A 274 -15.88 21.34 -0.06
CA ASP A 274 -17.11 20.74 -0.60
C ASP A 274 -17.18 20.82 -2.13
N ASN A 275 -16.49 21.82 -2.72
CA ASN A 275 -16.46 21.90 -4.17
C ASN A 275 -15.64 20.80 -4.81
N HIS A 276 -14.59 20.34 -4.11
CA HIS A 276 -13.82 19.20 -4.61
C HIS A 276 -14.64 17.92 -4.61
N ALA A 277 -15.57 17.79 -3.66
CA ALA A 277 -16.45 16.62 -3.63
C ALA A 277 -17.27 16.54 -4.93
N LYS A 278 -17.68 17.70 -5.44
CA LYS A 278 -18.42 17.72 -6.69
C LYS A 278 -17.56 17.21 -7.85
N LEU A 279 -16.29 17.60 -7.85
CA LEU A 279 -15.35 17.18 -8.88
C LEU A 279 -15.11 15.69 -8.82
N ILE A 280 -14.99 15.16 -7.60
CA ILE A 280 -14.74 13.75 -7.43
C ILE A 280 -15.85 12.89 -8.05
N VAL A 281 -17.10 13.19 -7.74
CA VAL A 281 -18.17 12.35 -8.25
C VAL A 281 -18.39 12.57 -9.75
N SER A 282 -18.07 13.77 -10.22
CA SER A 282 -18.22 14.15 -11.62
C SER A 282 -17.12 13.57 -12.50
N LYS A 283 -15.89 13.67 -12.04
CA LYS A 283 -14.75 13.32 -12.89
C LYS A 283 -14.09 11.99 -12.49
N PHE A 284 -14.41 11.49 -11.29
CA PHE A 284 -13.97 10.14 -10.90
C PHE A 284 -15.17 9.29 -10.50
N PRO A 285 -16.13 9.09 -11.42
CA PRO A 285 -17.39 8.42 -11.06
C PRO A 285 -17.21 6.94 -10.74
N ALA A 286 -16.07 6.34 -11.08
CA ALA A 286 -15.84 4.93 -10.74
C ALA A 286 -15.16 4.75 -9.36
N ALA A 287 -14.71 5.87 -8.78
CA ALA A 287 -14.04 5.82 -7.47
C ALA A 287 -15.05 5.55 -6.37
N THR A 288 -15.30 4.27 -6.12
CA THR A 288 -16.36 3.84 -5.21
C THR A 288 -15.80 3.41 -3.86
N ASP A 289 -14.48 3.28 -3.80
N ASP A 289 -14.47 3.41 -3.77
CA ASP A 289 -13.78 3.19 -2.52
CA ASP A 289 -13.75 3.19 -2.51
C ASP A 289 -13.09 4.55 -2.33
C ASP A 289 -12.98 4.47 -2.18
N LEU A 290 -13.61 5.36 -1.42
CA LEU A 290 -13.16 6.76 -1.31
C LEU A 290 -12.85 7.18 0.10
N ASN A 291 -11.64 7.69 0.29
CA ASN A 291 -11.23 8.22 1.58
C ASN A 291 -10.91 9.70 1.48
N VAL A 292 -11.77 10.54 2.04
CA VAL A 292 -11.50 11.98 2.11
C VAL A 292 -11.43 12.50 3.54
N ALA A 293 -10.99 11.64 4.46
CA ALA A 293 -10.87 12.03 5.87
C ALA A 293 -9.88 13.19 6.03
N ASN A 294 -10.09 13.99 7.08
CA ASN A 294 -9.15 15.06 7.44
C ASN A 294 -9.00 16.09 6.33
N ASN A 295 -10.15 16.57 5.84
CA ASN A 295 -10.19 17.68 4.89
C ASN A 295 -11.14 18.77 5.40
N ASN A 296 -11.53 19.69 4.53
CA ASN A 296 -12.39 20.82 4.95
C ASN A 296 -13.86 20.67 4.55
N THR A 298 -17.93 19.63 4.70
CA THR A 298 -19.03 19.75 5.65
C THR A 298 -20.04 18.67 5.27
N ARG A 299 -21.21 18.69 5.90
CA ARG A 299 -22.28 17.76 5.53
C ARG A 299 -22.62 17.85 4.05
N ALA A 300 -22.51 19.05 3.50
CA ALA A 300 -22.84 19.27 2.09
C ALA A 300 -21.93 18.43 1.19
N GLY A 301 -20.64 18.43 1.49
CA GLY A 301 -19.70 17.66 0.70
C GLY A 301 -19.92 16.17 0.87
N VAL A 302 -20.24 15.74 2.08
CA VAL A 302 -20.48 14.32 2.32
C VAL A 302 -21.68 13.85 1.48
N LYS A 303 -22.78 14.62 1.52
CA LYS A 303 -23.95 14.27 0.72
C LYS A 303 -23.66 14.24 -0.77
N THR A 304 -22.77 15.13 -1.23
CA THR A 304 -22.33 15.11 -2.62
C THR A 304 -21.64 13.79 -2.97
N LEU A 305 -20.74 13.34 -2.11
CA LEU A 305 -20.06 12.07 -2.33
C LEU A 305 -21.07 10.92 -2.36
N LEU A 306 -22.07 11.01 -1.49
CA LEU A 306 -23.12 9.98 -1.44
C LEU A 306 -24.04 9.97 -2.65
N SER A 307 -23.93 10.99 -3.52
CA SER A 307 -24.76 11.01 -4.73
C SER A 307 -24.17 10.16 -5.86
N ASN A 308 -22.96 9.65 -5.65
CA ASN A 308 -22.41 8.64 -6.56
C ASN A 308 -23.21 7.36 -6.41
N PRO A 309 -23.95 6.97 -7.46
CA PRO A 309 -24.92 5.87 -7.33
C PRO A 309 -24.29 4.50 -7.14
N ILE A 310 -22.96 4.39 -7.21
CA ILE A 310 -22.30 3.11 -6.93
C ILE A 310 -21.26 3.17 -5.81
N ILE A 311 -21.28 4.26 -5.03
CA ILE A 311 -20.37 4.40 -3.89
C ILE A 311 -20.51 3.19 -2.97
N GLU A 312 -19.39 2.66 -2.47
N GLU A 312 -19.38 2.67 -2.52
CA GLU A 312 -19.45 1.42 -1.69
CA GLU A 312 -19.35 1.43 -1.75
C GLU A 312 -18.69 1.49 -0.34
C GLU A 312 -18.79 1.70 -0.36
N ASN A 313 -17.55 2.17 -0.31
CA ASN A 313 -16.84 2.40 0.95
C ASN A 313 -16.42 3.85 1.05
N LEU A 314 -16.83 4.52 2.12
CA LEU A 314 -16.62 5.95 2.21
C LEU A 314 -16.09 6.36 3.60
N ASP A 315 -14.94 7.03 3.61
CA ASP A 315 -14.36 7.52 4.84
C ASP A 315 -14.35 9.04 4.82
N VAL A 316 -15.09 9.64 5.75
CA VAL A 316 -15.16 11.10 5.87
C VAL A 316 -14.86 11.55 7.30
N SER A 317 -14.06 10.74 8.00
CA SER A 317 -13.77 10.96 9.41
C SER A 317 -12.91 12.18 9.71
N THR A 318 -12.94 12.60 10.98
CA THR A 318 -12.26 13.78 11.50
C THR A 318 -12.54 15.03 10.70
N GLN A 319 -13.83 15.18 10.39
CA GLN A 319 -14.37 16.39 9.81
C GLN A 319 -15.66 16.64 10.57
N SER A 320 -15.87 17.87 11.01
CA SER A 320 -16.99 18.14 11.90
C SER A 320 -18.30 18.08 11.13
N LEU A 321 -19.13 17.08 11.44
CA LEU A 321 -20.40 16.93 10.72
C LEU A 321 -21.58 17.23 11.62
N TYR A 322 -21.34 17.26 12.92
CA TYR A 322 -22.37 17.66 13.87
C TYR A 322 -21.73 18.30 15.10
N ALA A 323 -22.27 19.43 15.51
CA ALA A 323 -21.71 20.13 16.67
C ALA A 323 -22.78 20.35 17.72
N LYS A 324 -22.61 19.71 18.86
CA LYS A 324 -23.58 19.82 19.96
C LYS A 324 -23.16 20.89 20.96
N GLN A 347 -31.05 23.47 17.42
CA GLN A 347 -32.13 22.58 17.01
C GLN A 347 -32.16 22.38 15.49
N GLN A 348 -31.83 23.43 14.75
CA GLN A 348 -31.73 23.35 13.30
C GLN A 348 -30.50 22.52 12.93
N GLU A 349 -29.50 22.53 13.81
CA GLU A 349 -28.29 21.74 13.62
C GLU A 349 -28.63 20.25 13.68
N LYS A 350 -29.69 19.93 14.43
CA LYS A 350 -30.15 18.56 14.58
C LYS A 350 -30.86 18.09 13.30
N GLU A 351 -31.58 19.01 12.67
CA GLU A 351 -32.26 18.72 11.39
C GLU A 351 -31.27 18.40 10.29
N LYS A 352 -30.28 19.26 10.14
CA LYS A 352 -29.29 19.10 9.09
C LYS A 352 -28.53 17.80 9.28
N ALA A 353 -28.20 17.50 10.53
CA ALA A 353 -27.54 16.26 10.85
C ALA A 353 -28.45 15.08 10.49
N GLN A 354 -29.73 15.19 10.84
CA GLN A 354 -30.69 14.15 10.50
C GLN A 354 -30.82 13.96 9.00
N ASP A 355 -30.74 15.05 8.26
CA ASP A 355 -30.85 14.98 6.80
C ASP A 355 -29.69 14.17 6.20
N LEU A 356 -28.48 14.37 6.74
CA LEU A 356 -27.34 13.57 6.34
C LEU A 356 -27.54 12.08 6.68
N LEU A 357 -28.04 11.79 7.88
CA LEU A 357 -28.27 10.41 8.27
C LEU A 357 -29.25 9.72 7.31
N ASP A 358 -30.30 10.43 6.92
CA ASP A 358 -31.28 9.88 5.97
C ASP A 358 -30.63 9.60 4.63
N THR A 359 -29.76 10.50 4.20
CA THR A 359 -29.09 10.35 2.92
C THR A 359 -28.25 9.09 2.93
N ILE A 360 -27.50 8.89 4.01
CA ILE A 360 -26.74 7.66 4.21
C ILE A 360 -27.65 6.44 4.10
N CYS A 361 -28.77 6.46 4.81
CA CYS A 361 -29.69 5.34 4.79
C CYS A 361 -30.29 5.07 3.41
N ASN A 362 -30.46 6.14 2.63
CA ASN A 362 -31.03 6.02 1.28
C ASN A 362 -30.00 5.67 0.22
N THR A 363 -28.74 5.65 0.62
CA THR A 363 -27.67 5.24 -0.28
C THR A 363 -27.52 3.71 -0.25
N ILE A 364 -28.21 3.07 -1.18
CA ILE A 364 -28.34 1.61 -1.24
C ILE A 364 -27.02 0.85 -1.35
N THR A 365 -26.14 1.29 -2.24
CA THR A 365 -24.92 0.53 -2.54
C THR A 365 -23.83 0.63 -1.46
N LEU A 366 -23.97 1.58 -0.54
CA LEU A 366 -22.97 1.82 0.49
C LEU A 366 -22.79 0.59 1.38
N LYS A 367 -21.57 0.07 1.45
CA LYS A 367 -21.26 -1.10 2.25
C LYS A 367 -20.64 -0.71 3.58
N SER A 368 -19.80 0.32 3.56
CA SER A 368 -19.22 0.82 4.82
C SER A 368 -19.05 2.33 4.83
N ILE A 369 -19.10 2.90 6.03
CA ILE A 369 -18.90 4.33 6.18
C ILE A 369 -18.12 4.59 7.46
N ASN A 370 -17.17 5.51 7.39
CA ASN A 370 -16.40 5.87 8.56
C ASN A 370 -16.73 7.30 8.95
N LEU A 371 -17.30 7.46 10.15
CA LEU A 371 -17.73 8.76 10.67
C LEU A 371 -17.08 9.07 12.01
N GLU A 372 -15.97 8.41 12.31
CA GLU A 372 -15.21 8.67 13.52
C GLU A 372 -14.83 10.14 13.65
N HIS A 373 -15.01 10.68 14.85
CA HIS A 373 -14.57 12.02 15.23
C HIS A 373 -15.26 13.12 14.42
N THR A 374 -16.50 12.85 13.99
CA THR A 374 -17.26 13.83 13.20
C THR A 374 -18.27 14.57 14.06
N GLY A 375 -18.42 14.12 15.29
CA GLY A 375 -19.43 14.68 16.17
C GLY A 375 -20.71 13.87 16.17
N ILE A 376 -20.87 13.01 15.15
CA ILE A 376 -22.07 12.16 15.08
C ILE A 376 -22.15 11.22 16.30
N THR A 377 -23.27 11.29 17.02
CA THR A 377 -23.39 10.65 18.33
C THR A 377 -23.69 9.16 18.27
N SER A 378 -23.67 8.52 19.43
CA SER A 378 -23.97 7.09 19.54
C SER A 378 -25.37 6.77 19.06
N ARG A 379 -26.35 7.59 19.44
CA ARG A 379 -27.73 7.36 19.04
C ARG A 379 -27.89 7.53 17.53
N LEU A 381 -25.45 7.04 15.27
CA LEU A 381 -24.83 5.88 14.64
C LEU A 381 -25.76 4.67 14.68
N LEU A 382 -26.39 4.45 15.83
CA LEU A 382 -27.31 3.33 15.98
C LEU A 382 -28.43 3.41 14.95
N SER A 383 -28.93 4.62 14.69
CA SER A 383 -30.05 4.80 13.77
C SER A 383 -29.69 4.49 12.31
N LEU A 384 -28.38 4.41 12.03
CA LEU A 384 -27.91 4.06 10.69
C LEU A 384 -27.91 2.56 10.43
N ILE A 385 -27.97 1.76 11.49
CA ILE A 385 -27.91 0.31 11.32
C ILE A 385 -29.18 -0.24 10.70
N PRO A 386 -29.04 -0.93 9.56
CA PRO A 386 -30.18 -1.49 8.81
C PRO A 386 -31.10 -2.30 9.71
N ASP A 387 -32.39 -1.98 9.65
CA ASP A 387 -33.39 -2.60 10.50
C ASP A 387 -33.44 -4.11 10.24
N GLU A 388 -33.96 -4.85 11.22
CA GLU A 388 -34.04 -6.31 11.15
C GLU A 388 -34.60 -6.82 9.81
N THR A 389 -33.81 -7.63 9.12
CA THR A 389 -34.12 -8.10 7.78
C THR A 389 -34.54 -7.00 6.80
N ASP A 390 -33.70 -5.98 6.69
CA ASP A 390 -33.80 -5.00 5.62
C ASP A 390 -33.15 -5.64 4.40
N HIS A 391 -33.82 -5.61 3.26
CA HIS A 391 -33.35 -6.34 2.09
C HIS A 391 -32.72 -5.44 1.03
N LYS A 392 -32.90 -4.12 1.17
CA LYS A 392 -32.45 -3.18 0.16
C LYS A 392 -31.07 -2.57 0.47
N ARG A 393 -30.84 -2.19 1.72
CA ARG A 393 -29.58 -1.55 2.11
C ARG A 393 -28.42 -2.55 2.26
N TYR A 394 -27.24 -2.15 1.80
CA TYR A 394 -26.04 -3.00 1.85
C TYR A 394 -25.06 -2.64 2.98
N LEU A 395 -25.38 -1.62 3.76
CA LEU A 395 -24.48 -1.16 4.82
C LEU A 395 -24.22 -2.24 5.87
N LYS A 396 -22.96 -2.65 6.01
CA LYS A 396 -22.63 -3.68 7.00
C LYS A 396 -21.48 -3.30 7.94
N LYS A 397 -20.79 -2.20 7.64
CA LYS A 397 -19.71 -1.76 8.51
C LYS A 397 -19.79 -0.26 8.78
N ILE A 398 -19.70 0.14 10.04
CA ILE A 398 -19.71 1.56 10.40
C ILE A 398 -18.57 1.84 11.38
N ASN A 399 -17.79 2.87 11.09
CA ASN A 399 -16.63 3.22 11.90
C ASN A 399 -15.70 2.02 12.11
N GLY A 400 -15.58 1.19 11.08
CA GLY A 400 -14.68 0.05 11.13
C GLY A 400 -15.23 -1.18 11.83
N VAL A 401 -16.47 -1.09 12.32
CA VAL A 401 -17.05 -2.21 13.06
C VAL A 401 -18.27 -2.76 12.34
N SER A 402 -18.37 -4.08 12.23
CA SER A 402 -19.54 -4.71 11.61
C SER A 402 -20.78 -4.27 12.37
N CYS A 403 -21.89 -4.14 11.65
CA CYS A 403 -23.13 -3.67 12.26
C CYS A 403 -23.62 -4.63 13.34
N LYS A 404 -23.34 -5.91 13.15
CA LYS A 404 -23.69 -6.92 14.14
C LYS A 404 -23.01 -6.65 15.47
N GLU A 405 -21.71 -6.41 15.43
CA GLU A 405 -20.95 -6.24 16.67
C GLU A 405 -21.02 -4.81 17.20
N LEU A 406 -21.50 -3.88 16.36
CA LEU A 406 -21.61 -2.48 16.77
C LEU A 406 -22.90 -2.16 17.52
N LYS A 407 -24.03 -2.70 17.08
CA LYS A 407 -25.32 -2.41 17.71
C LYS A 407 -25.40 -2.63 19.23
N PRO A 408 -24.99 -3.83 19.72
CA PRO A 408 -25.03 -3.98 21.18
C PRO A 408 -24.04 -3.05 21.88
N LYS A 409 -22.83 -2.95 21.33
CA LYS A 409 -21.81 -2.06 21.87
C LYS A 409 -22.34 -0.62 21.99
N LEU A 410 -23.03 -0.14 20.96
CA LEU A 410 -23.66 1.18 21.01
C LEU A 410 -24.78 1.26 22.07
N GLU A 411 -25.78 0.40 21.94
CA GLU A 411 -26.93 0.36 22.86
C GLU A 411 -26.54 0.42 24.34
N GLN A 412 -25.39 -0.16 24.67
CA GLN A 412 -24.87 -0.08 26.03
C GLN A 412 -24.47 1.36 26.33
N GLN A 413 -23.58 1.91 25.52
CA GLN A 413 -23.07 3.27 25.72
C GLN A 413 -24.19 4.30 25.80
N ILE A 414 -25.33 3.99 25.19
CA ILE A 414 -26.50 4.83 25.30
C ILE A 414 -27.19 4.55 26.64
N ALA A 415 -27.36 3.28 26.98
CA ALA A 415 -27.97 2.91 28.25
C ALA A 415 -27.12 3.31 29.46
N LEU A 416 -25.80 3.30 29.27
CA LEU A 416 -24.88 3.73 30.33
C LEU A 416 -24.58 5.23 30.25
N ARG A 417 -25.58 6.01 29.87
CA ARG A 417 -25.49 7.46 29.94
C ARG A 417 -26.67 7.94 30.78
N LYS A 418 -27.79 7.26 30.61
CA LYS A 418 -29.01 7.56 31.36
C LYS A 418 -28.99 6.89 32.73
#